data_6NQH
#
_entry.id   6NQH
#
_cell.length_a   43.863
_cell.length_b   54.626
_cell.length_c   173.359
_cell.angle_alpha   90.00
_cell.angle_beta   90.00
_cell.angle_gamma   90.00
#
_symmetry.space_group_name_H-M   'P 21 21 21'
#
loop_
_entity.id
_entity.type
_entity.pdbx_description
1 polymer Phosphoglucomutase
2 non-polymer 'MAGNESIUM ION'
3 non-polymer 1-O-phosphono-alpha-D-xylopyranose
4 water water
#
_entity_poly.entity_id   1
_entity_poly.type   'polypeptide(L)'
_entity_poly.pdbx_seq_one_letter_code
;MGSSHHHHHHSSENLYFQSHMTLPAFKAYDIRGRVPDELNEDLARRIGVALAAQLDQGPVVLGHDVRLASPALQEALSAG
LRASGRDVIDIGLCGTEEVYFQTDYLKAAGGVMVTASHNPMDYNGMKLVREQARPISSDTGLFAIRDTVAADTAAPGEPT
ASEQSRTDKTAYLEHLLSYVDRSTLKPLKLVVNAGNGGAGLIVDLLAPHLPFEFVRVFHEPDGNFPNGIPNPLLPENRDA
TAKAVKDNGADFGIAWDGDFDRCFFFDHTGRFIEGYYLVGLLAQAILAKQPGGKVVHDPRLTWNTVEQVEEAGGIPVLCK
SGHAFIKEKMRSENAVYGGEMSAHHYFREFAYADSGMIPWLLIAELVSQSGRSLADLVEARMQKFPCSGEINFKVADAKA
SVARVMEHYASLSPELDYTDGISADFGQWRFNLRSSNTEPLLRLNVETRGDAALLETRTQEISNLLRG
;
_entity_poly.pdbx_strand_id   A
#
# COMPACT_ATOMS: atom_id res chain seq x y z
N MET A 21 25.20 -14.64 10.82
CA MET A 21 24.02 -14.18 10.10
C MET A 21 23.77 -12.70 10.35
N THR A 22 22.59 -12.24 9.98
CA THR A 22 22.19 -10.85 10.17
C THR A 22 20.85 -10.80 10.88
N LEU A 23 20.53 -9.62 11.40
CA LEU A 23 19.27 -9.43 12.12
C LEU A 23 18.10 -9.69 11.17
N PRO A 24 17.26 -10.69 11.45
CA PRO A 24 16.22 -11.04 10.46
C PRO A 24 15.11 -10.01 10.35
N ALA A 25 14.97 -9.09 11.31
CA ALA A 25 13.86 -8.14 11.24
C ALA A 25 14.03 -7.14 10.09
N PHE A 26 15.26 -6.97 9.59
CA PHE A 26 15.50 -6.02 8.50
C PHE A 26 15.22 -6.72 7.17
N LYS A 27 14.12 -6.33 6.54
CA LYS A 27 13.63 -6.91 5.30
C LYS A 27 13.93 -5.94 4.15
N ALA A 28 13.42 -6.28 2.96
CA ALA A 28 13.78 -5.52 1.76
C ALA A 28 13.25 -4.11 1.80
N TYR A 29 12.03 -3.92 2.32
CA TYR A 29 11.38 -2.62 2.28
C TYR A 29 11.18 -1.96 3.64
N ASP A 30 11.31 -2.71 4.74
CA ASP A 30 11.00 -2.16 6.06
C ASP A 30 11.57 -3.13 7.10
N ILE A 31 11.30 -2.82 8.36
CA ILE A 31 11.73 -3.64 9.49
C ILE A 31 10.49 -4.32 10.06
N ARG A 32 10.60 -5.62 10.34
CA ARG A 32 9.44 -6.43 10.71
C ARG A 32 9.92 -7.63 11.48
N GLY A 33 9.41 -7.83 12.69
CA GLY A 33 9.82 -9.02 13.43
C GLY A 33 8.98 -9.24 14.65
N ARG A 34 9.19 -10.41 15.25
CA ARG A 34 8.50 -10.77 16.48
C ARG A 34 9.13 -10.05 17.66
N VAL A 35 8.27 -9.53 18.53
CA VAL A 35 8.68 -8.88 19.78
C VAL A 35 8.69 -9.94 20.88
N PRO A 36 9.76 -10.03 21.70
CA PRO A 36 10.90 -9.12 21.66
C PRO A 36 12.21 -9.71 21.13
N ASP A 37 12.20 -10.88 20.50
CA ASP A 37 13.48 -11.47 20.09
C ASP A 37 14.02 -10.88 18.80
N GLU A 38 13.15 -10.46 17.87
CA GLU A 38 13.63 -9.83 16.64
C GLU A 38 13.48 -8.32 16.65
N LEU A 39 12.66 -7.77 17.54
CA LEU A 39 12.47 -6.32 17.64
C LEU A 39 12.09 -6.00 19.07
N ASN A 40 12.77 -5.02 19.66
CA ASN A 40 12.55 -4.67 21.04
C ASN A 40 13.00 -3.22 21.23
N GLU A 41 12.91 -2.74 22.47
CA GLU A 41 13.21 -1.34 22.73
C GLU A 41 14.70 -1.02 22.56
N ASP A 42 15.60 -1.96 22.84
CA ASP A 42 17.01 -1.68 22.66
C ASP A 42 17.36 -1.58 21.18
N LEU A 43 16.87 -2.53 20.40
CA LEU A 43 17.04 -2.43 18.95
C LEU A 43 16.42 -1.15 18.40
N ALA A 44 15.23 -0.77 18.87
CA ALA A 44 14.57 0.44 18.38
C ALA A 44 15.41 1.66 18.69
N ARG A 45 16.00 1.71 19.88
CA ARG A 45 16.87 2.83 20.23
C ARG A 45 18.10 2.86 19.33
N ARG A 46 18.72 1.69 19.10
CA ARG A 46 19.88 1.63 18.23
C ARG A 46 19.52 2.01 16.80
N ILE A 47 18.33 1.62 16.33
CA ILE A 47 17.89 2.04 15.01
C ILE A 47 17.81 3.56 14.94
N GLY A 48 17.29 4.20 15.99
CA GLY A 48 17.22 5.66 16.00
C GLY A 48 18.59 6.31 15.91
N VAL A 49 19.56 5.78 16.66
CA VAL A 49 20.94 6.27 16.55
C VAL A 49 21.45 6.12 15.12
N ALA A 50 21.27 4.93 14.55
CA ALA A 50 21.79 4.67 13.21
C ALA A 50 21.07 5.50 12.17
N LEU A 51 19.76 5.68 12.33
CA LEU A 51 19.02 6.48 11.36
C LEU A 51 19.55 7.91 11.31
N ALA A 52 19.85 8.47 12.48
CA ALA A 52 20.37 9.83 12.54
C ALA A 52 21.61 10.00 11.67
N ALA A 53 22.46 8.97 11.62
CA ALA A 53 23.68 9.04 10.83
C ALA A 53 23.44 8.85 9.34
N GLN A 54 22.22 8.47 8.93
CA GLN A 54 21.89 8.16 7.55
C GLN A 54 21.15 9.28 6.84
N LEU A 55 20.76 10.32 7.55
CA LEU A 55 19.86 11.34 7.02
C LEU A 55 20.60 12.65 6.81
N ASP A 56 20.10 13.45 5.88
CA ASP A 56 20.50 14.84 5.78
C ASP A 56 19.97 15.61 6.99
N GLN A 57 20.15 16.93 6.96
CA GLN A 57 19.85 17.76 8.11
C GLN A 57 18.35 17.87 8.33
N GLY A 58 17.96 17.99 9.60
CA GLY A 58 16.58 18.27 9.93
C GLY A 58 16.03 17.36 11.02
N PRO A 59 14.80 17.64 11.44
CA PRO A 59 14.15 16.80 12.45
C PRO A 59 13.57 15.54 11.83
N VAL A 60 13.14 14.63 12.71
CA VAL A 60 12.60 13.35 12.28
C VAL A 60 11.19 13.19 12.82
N VAL A 61 10.27 12.84 11.92
CA VAL A 61 8.86 12.62 12.23
C VAL A 61 8.68 11.19 12.72
N LEU A 62 7.97 11.01 13.83
CA LEU A 62 7.63 9.68 14.33
C LEU A 62 6.13 9.57 14.55
N GLY A 63 5.57 8.42 14.12
CA GLY A 63 4.20 8.06 14.45
C GLY A 63 4.08 6.56 14.63
N HIS A 64 2.89 6.12 15.04
CA HIS A 64 2.71 4.71 15.37
C HIS A 64 1.27 4.28 15.15
N ASP A 65 1.08 2.97 15.04
CA ASP A 65 -0.22 2.36 14.82
C ASP A 65 -0.85 1.90 16.15
N VAL A 66 -1.97 1.17 16.05
CA VAL A 66 -2.76 0.85 17.24
C VAL A 66 -2.21 -0.31 18.06
N ARG A 67 -1.16 -0.99 17.60
CA ARG A 67 -0.67 -2.15 18.34
C ARG A 67 -0.18 -1.73 19.72
N LEU A 68 -0.35 -2.63 20.68
CA LEU A 68 -0.13 -2.26 22.08
C LEU A 68 1.31 -1.86 22.35
N ALA A 69 2.27 -2.54 21.71
CA ALA A 69 3.68 -2.25 21.92
C ALA A 69 4.19 -1.10 21.08
N SER A 70 3.38 -0.56 20.17
CA SER A 70 3.87 0.48 19.27
C SER A 70 4.36 1.73 19.98
N PRO A 71 3.62 2.32 20.94
CA PRO A 71 4.15 3.51 21.63
C PRO A 71 5.54 3.33 22.22
N ALA A 72 5.78 2.21 22.92
CA ALA A 72 7.08 2.01 23.56
C ALA A 72 8.19 1.92 22.53
N LEU A 73 7.94 1.30 21.38
CA LEU A 73 8.97 1.23 20.35
C LEU A 73 9.24 2.62 19.79
N GLN A 74 8.19 3.44 19.64
CA GLN A 74 8.40 4.80 19.16
C GLN A 74 9.21 5.61 20.15
N GLU A 75 8.92 5.46 21.45
CA GLU A 75 9.66 6.20 22.46
C GLU A 75 11.15 5.83 22.45
N ALA A 76 11.47 4.54 22.27
CA ALA A 76 12.86 4.13 22.19
C ALA A 76 13.54 4.70 20.95
N LEU A 77 12.83 4.70 19.83
CA LEU A 77 13.29 5.37 18.62
C LEU A 77 13.61 6.82 18.89
N SER A 78 12.67 7.54 19.52
CA SER A 78 12.91 8.93 19.88
C SER A 78 14.15 9.08 20.74
N ALA A 79 14.28 8.24 21.77
CA ALA A 79 15.46 8.37 22.64
C ALA A 79 16.75 8.24 21.86
N GLY A 80 16.83 7.27 20.94
CA GLY A 80 18.03 7.14 20.13
C GLY A 80 18.26 8.34 19.23
N LEU A 81 17.21 8.81 18.57
CA LEU A 81 17.32 9.97 17.69
C LEU A 81 17.80 11.20 18.46
N ARG A 82 17.19 11.47 19.62
CA ARG A 82 17.54 12.67 20.37
C ARG A 82 18.91 12.57 21.03
N ALA A 83 19.33 11.35 21.39
CA ALA A 83 20.69 11.15 21.87
C ALA A 83 21.70 11.53 20.79
N SER A 84 21.30 11.42 19.52
CA SER A 84 22.14 11.77 18.38
C SER A 84 21.92 13.20 17.90
N GLY A 85 21.22 14.03 18.68
CA GLY A 85 21.05 15.41 18.32
C GLY A 85 19.93 15.70 17.35
N ARG A 86 19.02 14.76 17.12
CA ARG A 86 17.90 14.97 16.19
C ARG A 86 16.68 15.40 16.98
N ASP A 87 16.15 16.57 16.64
CA ASP A 87 14.83 16.96 17.13
C ASP A 87 13.79 16.00 16.57
N VAL A 88 12.81 15.66 17.41
CA VAL A 88 11.78 14.69 17.04
C VAL A 88 10.44 15.41 16.98
N ILE A 89 9.67 15.12 15.94
CA ILE A 89 8.31 15.61 15.78
C ILE A 89 7.40 14.40 15.94
N ASP A 90 6.74 14.32 17.10
CA ASP A 90 5.85 13.21 17.42
C ASP A 90 4.46 13.53 16.90
N ILE A 91 4.02 12.81 15.86
CA ILE A 91 2.69 13.03 15.31
C ILE A 91 1.65 12.07 15.89
N GLY A 92 2.05 11.22 16.83
CA GLY A 92 1.09 10.41 17.56
C GLY A 92 0.60 9.17 16.83
N LEU A 93 -0.50 8.64 17.37
CA LEU A 93 -1.23 7.55 16.72
C LEU A 93 -1.73 8.02 15.37
N CYS A 94 -1.39 7.28 14.31
CA CYS A 94 -1.65 7.79 12.97
C CYS A 94 -1.62 6.63 11.97
N GLY A 95 -1.92 6.95 10.73
CA GLY A 95 -1.66 6.03 9.66
C GLY A 95 -0.28 6.23 9.06
N THR A 96 0.19 5.19 8.37
CA THR A 96 1.49 5.27 7.70
C THR A 96 1.56 6.46 6.77
N GLU A 97 0.49 6.71 6.00
CA GLU A 97 0.49 7.83 5.07
C GLU A 97 0.64 9.17 5.77
N GLU A 98 0.26 9.26 7.06
CA GLU A 98 0.45 10.51 7.77
C GLU A 98 1.92 10.75 8.09
N VAL A 99 2.69 9.69 8.39
CA VAL A 99 4.14 9.86 8.48
C VAL A 99 4.72 10.33 7.15
N TYR A 100 4.31 9.74 6.04
CA TYR A 100 4.78 10.20 4.74
C TYR A 100 4.43 11.67 4.53
N PHE A 101 3.17 12.02 4.76
CA PHE A 101 2.72 13.37 4.46
C PHE A 101 3.41 14.40 5.33
N GLN A 102 3.50 14.14 6.64
CA GLN A 102 4.09 15.13 7.54
C GLN A 102 5.59 15.24 7.33
N THR A 103 6.27 14.13 7.03
CA THR A 103 7.70 14.21 6.73
C THR A 103 7.96 15.18 5.59
N ASP A 104 7.18 15.07 4.52
CA ASP A 104 7.35 15.95 3.37
C ASP A 104 6.83 17.34 3.64
N TYR A 105 5.64 17.44 4.23
CA TYR A 105 5.00 18.73 4.47
C TYR A 105 5.85 19.60 5.38
N LEU A 106 6.37 19.01 6.47
CA LEU A 106 7.16 19.78 7.43
C LEU A 106 8.62 19.93 7.00
N LYS A 107 8.99 19.39 5.82
CA LYS A 107 10.36 19.46 5.33
C LYS A 107 11.33 18.82 6.32
N ALA A 108 10.92 17.69 6.90
CA ALA A 108 11.75 17.01 7.87
C ALA A 108 12.87 16.25 7.16
N ALA A 109 13.88 15.85 7.95
CA ALA A 109 14.97 15.03 7.42
C ALA A 109 14.53 13.61 7.11
N GLY A 110 13.46 13.14 7.72
CA GLY A 110 12.98 11.80 7.49
C GLY A 110 11.89 11.48 8.48
N GLY A 111 11.47 10.22 8.49
CA GLY A 111 10.38 9.81 9.34
C GLY A 111 10.38 8.32 9.51
N VAL A 112 9.78 7.88 10.62
CA VAL A 112 9.57 6.47 10.90
C VAL A 112 8.14 6.25 11.36
N MET A 113 7.49 5.25 10.78
CA MET A 113 6.20 4.77 11.23
C MET A 113 6.39 3.42 11.91
N VAL A 114 5.97 3.32 13.16
CA VAL A 114 5.99 2.05 13.87
C VAL A 114 4.70 1.30 13.53
N THR A 115 4.83 0.22 12.76
CA THR A 115 3.72 -0.63 12.34
C THR A 115 4.30 -1.89 11.70
N ALA A 116 3.53 -2.96 11.75
CA ALA A 116 3.78 -4.18 10.98
C ALA A 116 2.41 -4.81 10.73
N SER A 117 1.60 -4.11 9.93
CA SER A 117 0.17 -4.14 10.10
C SER A 117 -0.43 -5.54 9.91
N HIS A 118 -0.03 -6.24 8.86
CA HIS A 118 -0.68 -7.52 8.55
C HIS A 118 -0.16 -8.68 9.38
N ASN A 119 0.94 -8.51 10.11
CA ASN A 119 1.65 -9.61 10.76
C ASN A 119 0.92 -10.07 12.02
N PRO A 120 1.26 -11.28 12.55
CA PRO A 120 0.55 -11.81 13.72
C PRO A 120 0.66 -10.94 14.96
N MET A 121 -0.07 -11.31 16.02
CA MET A 121 -0.22 -10.44 17.19
C MET A 121 1.12 -10.08 17.83
N ASP A 122 2.07 -11.02 17.84
CA ASP A 122 3.36 -10.83 18.51
C ASP A 122 4.40 -10.11 17.64
N TYR A 123 3.99 -9.46 16.56
CA TYR A 123 4.91 -8.82 15.62
C TYR A 123 4.75 -7.31 15.66
N ASN A 124 5.86 -6.61 15.43
CA ASN A 124 5.82 -5.18 15.17
C ASN A 124 6.87 -4.84 14.12
N GLY A 125 7.03 -3.56 13.84
CA GLY A 125 7.92 -3.19 12.76
C GLY A 125 8.03 -1.69 12.59
N MET A 126 8.80 -1.30 11.57
CA MET A 126 9.03 0.11 11.30
C MET A 126 9.16 0.31 9.81
N LYS A 127 8.60 1.42 9.32
CA LYS A 127 8.76 1.84 7.94
C LYS A 127 9.49 3.17 7.98
N LEU A 128 10.55 3.30 7.20
CA LEU A 128 11.49 4.40 7.33
C LEU A 128 11.54 5.19 6.03
N VAL A 129 11.55 6.52 6.15
CA VAL A 129 11.65 7.40 4.98
C VAL A 129 12.66 8.51 5.29
N ARG A 130 13.26 9.05 4.22
CA ARG A 130 14.14 10.20 4.32
C ARG A 130 13.43 11.45 3.82
N GLU A 131 14.18 12.43 3.31
CA GLU A 131 13.57 13.69 2.90
C GLU A 131 12.52 13.48 1.81
N GLN A 132 11.49 14.31 1.83
CA GLN A 132 10.32 14.19 0.96
C GLN A 132 9.64 12.84 1.06
N ALA A 133 9.82 12.14 2.20
CA ALA A 133 9.24 10.81 2.40
C ALA A 133 9.74 9.78 1.37
N ARG A 134 10.95 9.98 0.88
CA ARG A 134 11.57 9.01 -0.03
C ARG A 134 11.85 7.73 0.76
N PRO A 135 11.47 6.56 0.25
CA PRO A 135 11.70 5.32 1.01
C PRO A 135 13.16 5.05 1.29
N ILE A 136 13.40 4.46 2.46
CA ILE A 136 14.67 3.85 2.84
C ILE A 136 14.45 2.34 2.79
N SER A 137 15.09 1.70 1.83
CA SER A 137 14.94 0.26 1.59
C SER A 137 16.30 -0.41 1.72
N SER A 138 16.30 -1.73 1.54
CA SER A 138 17.49 -2.53 1.85
C SER A 138 18.75 -1.97 1.20
N ASP A 139 18.68 -1.66 -0.10
CA ASP A 139 19.84 -1.16 -0.83
C ASP A 139 19.95 0.37 -0.82
N THR A 140 19.06 1.07 -0.12
CA THR A 140 19.08 2.53 -0.10
C THR A 140 19.15 3.06 1.33
N GLY A 141 19.80 2.31 2.20
CA GLY A 141 20.07 2.81 3.55
C GLY A 141 19.66 1.86 4.65
N LEU A 142 18.68 1.00 4.38
CA LEU A 142 18.14 0.17 5.44
C LEU A 142 19.15 -0.89 5.89
N PHE A 143 19.87 -1.49 4.95
CA PHE A 143 20.87 -2.48 5.36
C PHE A 143 22.10 -1.80 5.93
N ALA A 144 22.37 -0.55 5.50
CA ALA A 144 23.41 0.22 6.18
C ALA A 144 23.02 0.46 7.63
N ILE A 145 21.75 0.79 7.88
CA ILE A 145 21.28 0.94 9.26
C ILE A 145 21.42 -0.38 10.01
N ARG A 146 20.96 -1.48 9.40
CA ARG A 146 21.07 -2.80 10.01
C ARG A 146 22.50 -3.08 10.46
N ASP A 147 23.47 -2.85 9.56
CA ASP A 147 24.85 -3.17 9.88
C ASP A 147 25.41 -2.28 10.98
N THR A 148 24.97 -1.02 11.04
CA THR A 148 25.38 -0.15 12.13
C THR A 148 24.81 -0.64 13.45
N VAL A 149 23.52 -0.94 13.48
CA VAL A 149 22.88 -1.47 14.67
C VAL A 149 23.57 -2.77 15.11
N ALA A 150 23.87 -3.63 14.13
CA ALA A 150 24.45 -4.93 14.42
C ALA A 150 25.79 -4.82 15.14
N ALA A 151 26.57 -3.79 14.84
CA ALA A 151 27.90 -3.63 15.40
C ALA A 151 27.96 -2.63 16.55
N ASP A 152 26.84 -2.00 16.89
CA ASP A 152 26.81 -0.92 17.87
C ASP A 152 26.78 -1.51 19.28
N THR A 153 27.91 -1.44 19.97
CA THR A 153 27.99 -1.85 21.37
C THR A 153 28.20 -0.67 22.31
N ALA A 154 27.96 0.54 21.84
CA ALA A 154 28.16 1.72 22.67
C ALA A 154 27.09 1.82 23.74
N ALA A 155 27.42 2.49 24.84
CA ALA A 155 26.42 2.80 25.84
C ALA A 155 25.50 3.90 25.32
N PRO A 156 24.23 3.90 25.72
CA PRO A 156 23.32 4.94 25.25
C PRO A 156 23.75 6.31 25.76
N GLY A 157 23.81 7.27 24.86
CA GLY A 157 23.98 8.65 25.27
C GLY A 157 22.69 9.18 25.85
N GLU A 158 22.76 10.39 26.35
CA GLU A 158 21.55 11.05 26.82
C GLU A 158 21.03 12.00 25.76
N PRO A 159 19.76 12.41 25.83
CA PRO A 159 19.22 13.28 24.78
C PRO A 159 19.91 14.65 24.76
N THR A 160 20.20 15.11 23.55
CA THR A 160 20.73 16.45 23.32
C THR A 160 19.83 17.24 22.39
N ALA A 161 18.66 16.71 22.06
CA ALA A 161 17.68 17.40 21.23
C ALA A 161 16.31 17.20 21.86
N SER A 162 15.34 17.95 21.36
CA SER A 162 14.01 18.01 21.95
C SER A 162 13.02 17.19 21.15
N GLU A 163 11.89 16.90 21.77
CA GLU A 163 10.75 16.33 21.09
C GLU A 163 9.55 17.26 21.25
N GLN A 164 8.88 17.54 20.14
CA GLN A 164 7.64 18.30 20.13
C GLN A 164 6.49 17.39 19.70
N SER A 165 5.33 17.57 20.34
CA SER A 165 4.11 16.90 19.91
C SER A 165 3.41 17.78 18.88
N ARG A 166 3.14 17.19 17.72
CA ARG A 166 2.47 17.88 16.61
C ARG A 166 1.35 16.97 16.12
N THR A 167 0.20 17.03 16.78
CA THR A 167 -0.91 16.16 16.40
C THR A 167 -1.92 16.84 15.50
N ASP A 168 -1.70 18.10 15.14
CA ASP A 168 -2.59 18.82 14.25
C ASP A 168 -2.64 18.14 12.88
N LYS A 169 -3.84 17.75 12.46
CA LYS A 169 -4.03 17.07 11.18
C LYS A 169 -4.62 17.97 10.11
N THR A 170 -4.79 19.27 10.40
CA THR A 170 -5.43 20.19 9.47
C THR A 170 -4.83 20.15 8.06
N ALA A 171 -3.52 20.33 7.93
CA ALA A 171 -2.93 20.34 6.60
C ALA A 171 -3.16 19.02 5.88
N TYR A 172 -3.05 17.90 6.61
CA TYR A 172 -3.31 16.58 6.03
C TYR A 172 -4.77 16.45 5.59
N LEU A 173 -5.70 16.80 6.46
CA LEU A 173 -7.12 16.71 6.09
C LEU A 173 -7.43 17.63 4.91
N GLU A 174 -6.90 18.85 4.92
CA GLU A 174 -7.15 19.76 3.81
C GLU A 174 -6.59 19.17 2.52
N HIS A 175 -5.42 18.54 2.59
CA HIS A 175 -4.88 17.89 1.40
C HIS A 175 -5.83 16.81 0.89
N LEU A 176 -6.30 15.94 1.78
CA LEU A 176 -7.24 14.89 1.37
C LEU A 176 -8.46 15.48 0.68
N LEU A 177 -9.10 16.48 1.32
CA LEU A 177 -10.30 17.09 0.77
C LEU A 177 -10.06 17.82 -0.56
N SER A 178 -8.80 18.21 -0.85
CA SER A 178 -8.53 18.88 -2.12
C SER A 178 -8.73 17.98 -3.34
N TYR A 179 -8.86 16.69 -3.15
CA TYR A 179 -9.06 15.80 -4.29
C TYR A 179 -10.51 15.73 -4.77
N VAL A 180 -11.43 16.45 -4.14
CA VAL A 180 -12.83 16.39 -4.54
C VAL A 180 -13.45 17.77 -4.47
N ASP A 181 -14.45 17.98 -5.32
CA ASP A 181 -15.27 19.19 -5.30
C ASP A 181 -16.46 18.88 -4.40
N ARG A 182 -16.43 19.44 -3.19
CA ARG A 182 -17.45 19.15 -2.19
C ARG A 182 -18.84 19.39 -2.72
N SER A 183 -19.02 20.46 -3.49
CA SER A 183 -20.34 20.82 -3.99
C SER A 183 -20.90 19.84 -4.99
N THR A 184 -20.08 18.92 -5.51
CA THR A 184 -20.55 17.92 -6.46
C THR A 184 -20.84 16.58 -5.81
N LEU A 185 -20.53 16.42 -4.53
CA LEU A 185 -20.71 15.14 -3.88
C LEU A 185 -22.16 14.91 -3.51
N LYS A 186 -22.61 13.67 -3.68
CA LYS A 186 -23.96 13.33 -3.28
C LYS A 186 -23.94 12.60 -1.95
N PRO A 187 -25.08 12.57 -1.22
CA PRO A 187 -25.10 11.91 0.10
C PRO A 187 -25.13 10.40 -0.02
N LEU A 188 -24.06 9.84 -0.60
CA LEU A 188 -23.94 8.39 -0.70
C LEU A 188 -23.90 7.76 0.69
N LYS A 189 -24.35 6.52 0.77
CA LYS A 189 -24.24 5.72 1.99
C LYS A 189 -23.06 4.77 1.82
N LEU A 190 -22.05 4.92 2.69
CA LEU A 190 -20.77 4.22 2.53
C LEU A 190 -20.51 3.38 3.75
N VAL A 191 -20.31 2.08 3.54
CA VAL A 191 -19.78 1.24 4.62
C VAL A 191 -18.28 1.52 4.75
N VAL A 192 -17.83 1.72 5.99
CA VAL A 192 -16.40 1.89 6.28
C VAL A 192 -16.02 0.87 7.34
N ASN A 193 -14.94 0.12 7.09
CA ASN A 193 -14.49 -0.96 7.98
C ASN A 193 -13.00 -0.78 8.26
N ALA A 194 -12.69 -0.14 9.39
CA ALA A 194 -11.30 0.03 9.79
C ALA A 194 -10.69 -1.25 10.36
N GLY A 195 -11.50 -2.27 10.62
CA GLY A 195 -10.99 -3.52 11.13
C GLY A 195 -10.34 -3.39 12.48
N ASN A 196 -10.73 -2.38 13.27
CA ASN A 196 -10.11 -2.00 14.53
C ASN A 196 -8.70 -1.47 14.39
N GLY A 197 -8.28 -1.15 13.16
CA GLY A 197 -7.06 -0.39 12.93
C GLY A 197 -7.35 1.09 13.11
N GLY A 198 -6.55 1.92 12.46
CA GLY A 198 -6.68 3.34 12.71
C GLY A 198 -7.48 4.16 11.73
N ALA A 199 -8.07 3.54 10.70
CA ALA A 199 -8.69 4.31 9.62
C ALA A 199 -9.88 5.12 10.11
N GLY A 200 -10.62 4.60 11.09
CA GLY A 200 -11.86 5.27 11.49
C GLY A 200 -11.64 6.65 12.06
N LEU A 201 -10.49 6.88 12.70
N LEU A 201 -10.46 6.90 12.64
CA LEU A 201 -10.18 8.22 13.21
CA LEU A 201 -10.16 8.18 13.23
C LEU A 201 -10.22 9.24 12.08
C LEU A 201 -10.04 9.27 12.16
N ILE A 202 -9.59 8.92 10.96
CA ILE A 202 -9.53 9.87 9.87
C ILE A 202 -10.91 10.01 9.21
N VAL A 203 -11.62 8.91 9.03
CA VAL A 203 -12.98 8.98 8.50
C VAL A 203 -13.81 9.96 9.33
N ASP A 204 -13.72 9.85 10.66
CA ASP A 204 -14.55 10.69 11.49
C ASP A 204 -14.13 12.16 11.44
N LEU A 205 -12.85 12.45 11.27
CA LEU A 205 -12.41 13.83 11.07
C LEU A 205 -12.86 14.38 9.71
N LEU A 206 -13.02 13.52 8.71
CA LEU A 206 -13.43 13.98 7.39
C LEU A 206 -14.94 14.16 7.32
N ALA A 207 -15.69 13.32 8.03
CA ALA A 207 -17.14 13.27 7.91
C ALA A 207 -17.86 14.62 8.02
N PRO A 208 -17.52 15.52 8.95
CA PRO A 208 -18.27 16.78 9.04
C PRO A 208 -18.17 17.63 7.78
N HIS A 209 -17.21 17.33 6.91
CA HIS A 209 -16.95 18.09 5.70
C HIS A 209 -17.43 17.36 4.46
N LEU A 210 -18.16 16.27 4.63
CA LEU A 210 -18.65 15.46 3.51
C LEU A 210 -20.13 15.19 3.71
N PRO A 211 -20.87 14.94 2.64
CA PRO A 211 -22.31 14.68 2.77
C PRO A 211 -22.69 13.22 2.94
N PHE A 212 -21.71 12.31 2.99
CA PHE A 212 -22.02 10.89 3.02
C PHE A 212 -22.62 10.49 4.36
N GLU A 213 -23.39 9.40 4.34
CA GLU A 213 -23.82 8.72 5.55
C GLU A 213 -22.95 7.49 5.70
N PHE A 214 -22.24 7.39 6.81
CA PHE A 214 -21.32 6.30 7.04
C PHE A 214 -21.98 5.20 7.86
N VAL A 215 -21.75 3.96 7.45
CA VAL A 215 -22.07 2.79 8.23
C VAL A 215 -20.75 2.24 8.74
N ARG A 216 -20.51 2.37 10.03
CA ARG A 216 -19.19 2.12 10.63
C ARG A 216 -19.12 0.68 11.13
N VAL A 217 -18.20 -0.09 10.57
CA VAL A 217 -17.98 -1.47 10.98
C VAL A 217 -16.60 -1.59 11.57
N PHE A 218 -16.49 -2.34 12.68
CA PHE A 218 -15.21 -2.59 13.38
C PHE A 218 -14.40 -1.29 13.47
N HIS A 219 -15.06 -0.27 13.99
CA HIS A 219 -14.62 1.10 13.79
C HIS A 219 -13.65 1.59 14.86
N GLU A 220 -13.78 1.10 16.08
CA GLU A 220 -12.98 1.61 17.17
C GLU A 220 -11.58 1.01 17.11
N PRO A 221 -10.54 1.83 17.30
CA PRO A 221 -9.17 1.29 17.31
C PRO A 221 -8.97 0.38 18.52
N ASP A 222 -8.48 -0.83 18.28
CA ASP A 222 -8.25 -1.78 19.36
C ASP A 222 -7.08 -2.68 18.99
N GLY A 223 -5.93 -2.43 19.62
CA GLY A 223 -4.75 -3.24 19.39
C GLY A 223 -4.88 -4.69 19.79
N ASN A 224 -5.92 -5.04 20.56
CA ASN A 224 -6.16 -6.46 20.82
C ASN A 224 -6.80 -7.16 19.64
N PHE A 225 -7.31 -6.39 18.68
CA PHE A 225 -7.89 -6.93 17.46
C PHE A 225 -8.92 -8.03 17.75
N PRO A 226 -10.03 -7.72 18.40
CA PRO A 226 -11.00 -8.76 18.75
C PRO A 226 -11.71 -9.34 17.54
N ASN A 227 -11.71 -8.64 16.41
CA ASN A 227 -12.31 -9.15 15.18
C ASN A 227 -11.27 -9.59 14.17
N GLY A 228 -10.06 -9.90 14.63
CA GLY A 228 -8.99 -10.38 13.77
C GLY A 228 -8.07 -9.26 13.31
N ILE A 229 -6.82 -9.63 13.02
CA ILE A 229 -5.86 -8.65 12.49
C ILE A 229 -6.40 -8.10 11.19
N PRO A 230 -6.40 -6.77 10.99
CA PRO A 230 -7.03 -6.20 9.79
C PRO A 230 -6.38 -6.68 8.50
N ASN A 231 -7.14 -7.42 7.71
CA ASN A 231 -6.67 -7.92 6.43
C ASN A 231 -7.88 -8.20 5.57
N PRO A 232 -8.40 -7.19 4.87
CA PRO A 232 -9.63 -7.39 4.10
C PRO A 232 -9.53 -8.44 3.00
N LEU A 233 -8.33 -8.95 2.73
CA LEU A 233 -8.17 -9.98 1.71
C LEU A 233 -8.54 -11.36 2.20
N LEU A 234 -8.53 -11.58 3.52
CA LEU A 234 -8.99 -12.86 4.05
C LEU A 234 -10.50 -12.95 3.87
N PRO A 235 -11.03 -14.04 3.28
CA PRO A 235 -12.47 -14.08 2.99
C PRO A 235 -13.37 -13.82 4.19
N GLU A 236 -13.04 -14.34 5.36
CA GLU A 236 -13.87 -14.05 6.53
C GLU A 236 -13.89 -12.56 6.84
N ASN A 237 -12.77 -11.86 6.64
CA ASN A 237 -12.75 -10.42 6.87
C ASN A 237 -13.47 -9.68 5.75
N ARG A 238 -13.24 -10.11 4.51
CA ARG A 238 -13.94 -9.55 3.37
C ARG A 238 -15.45 -9.63 3.57
N ASP A 239 -15.93 -10.76 4.09
CA ASP A 239 -17.37 -10.96 4.19
C ASP A 239 -18.03 -10.00 5.17
N ALA A 240 -17.30 -9.53 6.20
CA ALA A 240 -17.89 -8.58 7.13
C ALA A 240 -18.27 -7.28 6.41
N THR A 241 -17.43 -6.82 5.47
CA THR A 241 -17.75 -5.59 4.76
C THR A 241 -18.87 -5.82 3.76
N ALA A 242 -18.80 -6.95 3.04
CA ALA A 242 -19.83 -7.30 2.06
C ALA A 242 -21.19 -7.40 2.71
N LYS A 243 -21.27 -8.04 3.87
CA LYS A 243 -22.55 -8.19 4.57
C LYS A 243 -23.11 -6.83 4.97
N ALA A 244 -22.24 -5.94 5.48
CA ALA A 244 -22.68 -4.61 5.89
C ALA A 244 -23.20 -3.80 4.70
N VAL A 245 -22.55 -3.92 3.53
CA VAL A 245 -23.05 -3.25 2.33
C VAL A 245 -24.43 -3.75 1.96
N LYS A 246 -24.57 -5.08 1.83
CA LYS A 246 -25.83 -5.67 1.39
C LYS A 246 -26.95 -5.37 2.38
N ASP A 247 -26.68 -5.57 3.67
CA ASP A 247 -27.70 -5.42 4.70
C ASP A 247 -28.14 -3.97 4.87
N ASN A 248 -27.32 -3.00 4.49
CA ASN A 248 -27.65 -1.59 4.70
C ASN A 248 -27.93 -0.86 3.38
N GLY A 249 -27.96 -1.58 2.27
CA GLY A 249 -28.19 -0.93 0.99
C GLY A 249 -27.20 0.17 0.69
N ALA A 250 -25.93 -0.02 1.08
CA ALA A 250 -24.94 1.02 0.86
C ALA A 250 -24.57 1.12 -0.61
N ASP A 251 -24.10 2.31 -1.01
CA ASP A 251 -23.66 2.49 -2.38
C ASP A 251 -22.37 1.73 -2.66
N PHE A 252 -21.46 1.75 -1.69
CA PHE A 252 -20.28 0.90 -1.73
C PHE A 252 -19.68 0.81 -0.33
N GLY A 253 -18.70 -0.06 -0.19
CA GLY A 253 -17.99 -0.22 1.06
C GLY A 253 -16.49 -0.10 0.86
N ILE A 254 -15.83 0.32 1.93
CA ILE A 254 -14.38 0.51 1.97
C ILE A 254 -13.86 -0.15 3.23
N ALA A 255 -12.82 -0.95 3.09
CA ALA A 255 -12.11 -1.52 4.22
C ALA A 255 -10.63 -1.19 4.08
N TRP A 256 -9.91 -1.20 5.19
CA TRP A 256 -8.49 -0.84 5.20
C TRP A 256 -7.68 -1.89 5.95
N ASP A 257 -6.39 -1.92 5.65
CA ASP A 257 -5.47 -2.61 6.56
C ASP A 257 -5.25 -1.74 7.80
N GLY A 258 -4.46 -2.25 8.75
CA GLY A 258 -4.42 -1.61 10.05
C GLY A 258 -3.81 -0.21 10.05
N ASP A 259 -2.74 -0.02 9.29
CA ASP A 259 -2.10 1.29 9.12
C ASP A 259 -2.71 2.08 7.97
N PHE A 260 -3.76 1.54 7.35
CA PHE A 260 -4.63 2.15 6.34
C PHE A 260 -3.92 2.76 5.14
N ASP A 261 -2.73 2.27 4.80
CA ASP A 261 -2.18 2.65 3.50
C ASP A 261 -2.74 1.79 2.36
N ARG A 262 -3.53 0.76 2.65
CA ARG A 262 -4.20 -0.01 1.62
C ARG A 262 -5.70 0.10 1.82
N CYS A 263 -6.41 0.22 0.71
CA CYS A 263 -7.87 0.33 0.72
C CYS A 263 -8.47 -0.74 -0.19
N PHE A 264 -9.68 -1.18 0.17
CA PHE A 264 -10.33 -2.29 -0.51
C PHE A 264 -11.79 -1.95 -0.70
N PHE A 265 -12.29 -2.14 -1.92
CA PHE A 265 -13.60 -1.65 -2.34
C PHE A 265 -14.58 -2.79 -2.57
N PHE A 266 -15.83 -2.52 -2.21
CA PHE A 266 -16.93 -3.44 -2.36
C PHE A 266 -18.08 -2.68 -3.02
N ASP A 267 -18.61 -3.23 -4.12
CA ASP A 267 -19.70 -2.51 -4.78
C ASP A 267 -21.01 -2.75 -4.04
N HIS A 268 -22.10 -2.21 -4.59
CA HIS A 268 -23.38 -2.22 -3.88
C HIS A 268 -23.97 -3.62 -3.72
N THR A 269 -23.51 -4.58 -4.53
CA THR A 269 -23.93 -5.97 -4.39
C THR A 269 -23.11 -6.72 -3.34
N GLY A 270 -22.13 -6.08 -2.73
CA GLY A 270 -21.24 -6.74 -1.80
C GLY A 270 -19.99 -7.33 -2.43
N ARG A 271 -19.85 -7.25 -3.75
CA ARG A 271 -18.76 -7.91 -4.45
C ARG A 271 -17.47 -7.12 -4.25
N PHE A 272 -16.40 -7.83 -3.87
CA PHE A 272 -15.10 -7.20 -3.74
C PHE A 272 -14.55 -6.93 -5.12
N ILE A 273 -14.07 -5.73 -5.34
CA ILE A 273 -13.49 -5.36 -6.63
C ILE A 273 -11.98 -5.59 -6.58
N GLU A 274 -11.48 -6.44 -7.48
CA GLU A 274 -10.05 -6.72 -7.55
C GLU A 274 -9.26 -5.43 -7.78
N GLY A 275 -8.16 -5.31 -7.05
CA GLY A 275 -7.39 -4.07 -7.07
C GLY A 275 -6.92 -3.66 -8.46
N TYR A 276 -6.68 -4.62 -9.35
CA TYR A 276 -6.30 -4.32 -10.73
C TYR A 276 -7.19 -3.25 -11.34
N TYR A 277 -8.51 -3.39 -11.18
CA TYR A 277 -9.45 -2.52 -11.86
C TYR A 277 -9.49 -1.12 -11.27
N LEU A 278 -9.10 -0.97 -10.00
CA LEU A 278 -9.05 0.37 -9.42
C LEU A 278 -7.92 1.20 -9.99
N VAL A 279 -6.87 0.55 -10.52
CA VAL A 279 -5.76 1.32 -11.08
C VAL A 279 -6.23 2.13 -12.28
N GLY A 280 -6.92 1.49 -13.23
CA GLY A 280 -7.43 2.23 -14.36
C GLY A 280 -8.48 3.24 -13.97
N LEU A 281 -9.34 2.89 -13.01
CA LEU A 281 -10.42 3.79 -12.59
C LEU A 281 -9.84 5.04 -11.92
N LEU A 282 -8.92 4.85 -10.97
CA LEU A 282 -8.31 5.99 -10.29
C LEU A 282 -7.46 6.82 -11.23
N ALA A 283 -6.81 6.18 -12.21
CA ALA A 283 -6.02 6.93 -13.19
C ALA A 283 -6.90 7.88 -13.98
N GLN A 284 -8.07 7.40 -14.42
CA GLN A 284 -9.00 8.27 -15.12
C GLN A 284 -9.50 9.37 -14.21
N ALA A 285 -9.77 9.05 -12.93
CA ALA A 285 -10.19 10.10 -12.02
C ALA A 285 -9.13 11.19 -11.87
N ILE A 286 -7.86 10.80 -11.78
CA ILE A 286 -6.81 11.80 -11.61
C ILE A 286 -6.57 12.55 -12.92
N LEU A 287 -6.62 11.85 -14.05
CA LEU A 287 -6.37 12.48 -15.34
C LEU A 287 -7.41 13.55 -15.66
N ALA A 288 -8.63 13.42 -15.13
CA ALA A 288 -9.63 14.47 -15.29
C ALA A 288 -9.18 15.77 -14.64
N LYS A 289 -8.42 15.66 -13.53
CA LYS A 289 -7.96 16.84 -12.79
C LYS A 289 -6.59 17.31 -13.25
N GLN A 290 -5.77 16.41 -13.79
CA GLN A 290 -4.41 16.71 -14.20
C GLN A 290 -4.20 16.09 -15.58
N PRO A 291 -4.68 16.76 -16.63
CA PRO A 291 -4.72 16.12 -17.94
C PRO A 291 -3.34 15.84 -18.50
N GLY A 292 -3.28 14.79 -19.31
CA GLY A 292 -2.06 14.46 -20.03
C GLY A 292 -0.96 13.87 -19.18
N GLY A 293 -1.22 13.60 -17.90
CA GLY A 293 -0.17 13.14 -17.02
C GLY A 293 0.31 11.74 -17.34
N LYS A 294 1.52 11.45 -16.84
CA LYS A 294 2.02 10.09 -16.84
C LYS A 294 1.44 9.32 -15.66
N VAL A 295 1.17 8.04 -15.90
CA VAL A 295 0.61 7.14 -14.89
C VAL A 295 1.51 5.92 -14.78
N VAL A 296 2.01 5.67 -13.58
CA VAL A 296 2.87 4.51 -13.35
C VAL A 296 2.05 3.30 -12.92
N HIS A 297 2.35 2.14 -13.52
CA HIS A 297 1.65 0.90 -13.20
C HIS A 297 2.66 -0.23 -13.16
N ASP A 298 2.27 -1.33 -12.49
CA ASP A 298 3.17 -2.47 -12.32
C ASP A 298 2.98 -3.50 -13.44
N PRO A 299 3.85 -4.50 -13.53
CA PRO A 299 3.78 -5.42 -14.68
C PRO A 299 2.89 -6.64 -14.49
N ARG A 300 2.28 -6.83 -13.33
CA ARG A 300 1.57 -8.09 -13.11
C ARG A 300 0.31 -8.18 -13.97
N LEU A 301 -0.43 -7.08 -14.04
CA LEU A 301 -1.68 -6.97 -14.78
C LEU A 301 -1.66 -5.58 -15.40
N THR A 302 -1.79 -5.50 -16.72
CA THR A 302 -1.39 -4.30 -17.46
C THR A 302 -2.43 -3.82 -18.47
N TRP A 303 -3.01 -4.75 -19.25
CA TRP A 303 -3.74 -4.36 -20.46
C TRP A 303 -4.85 -3.37 -20.14
N ASN A 304 -5.60 -3.61 -19.07
CA ASN A 304 -6.71 -2.71 -18.77
C ASN A 304 -6.21 -1.32 -18.40
N THR A 305 -5.12 -1.26 -17.63
CA THR A 305 -4.60 0.03 -17.21
C THR A 305 -4.09 0.82 -18.40
N VAL A 306 -3.34 0.16 -19.30
CA VAL A 306 -2.81 0.85 -20.46
C VAL A 306 -3.94 1.46 -21.29
N GLU A 307 -4.99 0.67 -21.52
CA GLU A 307 -6.11 1.13 -22.34
C GLU A 307 -6.84 2.29 -21.68
N GLN A 308 -7.17 2.15 -20.39
CA GLN A 308 -7.93 3.20 -19.71
C GLN A 308 -7.10 4.48 -19.55
N VAL A 309 -5.81 4.35 -19.27
CA VAL A 309 -4.95 5.53 -19.18
C VAL A 309 -4.91 6.25 -20.53
N GLU A 310 -4.65 5.51 -21.62
CA GLU A 310 -4.56 6.15 -22.93
C GLU A 310 -5.90 6.74 -23.35
N GLU A 311 -7.00 6.04 -23.06
CA GLU A 311 -8.31 6.56 -23.40
C GLU A 311 -8.57 7.91 -22.74
N ALA A 312 -8.06 8.11 -21.53
CA ALA A 312 -8.21 9.36 -20.80
C ALA A 312 -7.10 10.36 -21.11
N GLY A 313 -6.27 10.09 -22.12
CA GLY A 313 -5.24 11.02 -22.53
C GLY A 313 -3.99 11.02 -21.66
N GLY A 314 -3.84 10.03 -20.78
CA GLY A 314 -2.62 9.89 -20.02
C GLY A 314 -1.61 9.02 -20.73
N ILE A 315 -0.42 8.96 -20.15
CA ILE A 315 0.70 8.21 -20.70
C ILE A 315 1.10 7.12 -19.71
N PRO A 316 0.86 5.85 -20.01
CA PRO A 316 1.19 4.79 -19.04
C PRO A 316 2.68 4.50 -19.04
N VAL A 317 3.20 4.26 -17.83
CA VAL A 317 4.63 3.99 -17.64
C VAL A 317 4.76 2.70 -16.85
N LEU A 318 5.27 1.66 -17.48
CA LEU A 318 5.51 0.38 -16.84
C LEU A 318 6.67 0.49 -15.85
N CYS A 319 6.52 -0.14 -14.68
CA CYS A 319 7.49 -0.09 -13.61
C CYS A 319 7.40 -1.37 -12.79
N LYS A 320 8.56 -1.85 -12.32
CA LYS A 320 8.60 -2.98 -11.41
C LYS A 320 7.70 -2.74 -10.20
N SER A 321 7.10 -3.82 -9.70
N SER A 321 7.09 -3.82 -9.70
CA SER A 321 6.25 -3.72 -8.53
CA SER A 321 6.24 -3.69 -8.54
C SER A 321 7.09 -3.42 -7.29
C SER A 321 7.07 -3.46 -7.28
N GLY A 322 6.41 -2.90 -6.27
CA GLY A 322 7.07 -2.58 -5.01
C GLY A 322 7.09 -1.08 -4.82
N HIS A 323 6.70 -0.63 -3.63
CA HIS A 323 6.35 0.78 -3.45
C HIS A 323 7.54 1.70 -3.73
N ALA A 324 8.75 1.27 -3.37
CA ALA A 324 9.93 2.12 -3.58
C ALA A 324 10.23 2.29 -5.07
N PHE A 325 10.02 1.25 -5.86
CA PHE A 325 10.26 1.38 -7.30
C PHE A 325 9.21 2.26 -7.94
N ILE A 326 7.94 2.07 -7.55
CA ILE A 326 6.86 2.89 -8.07
C ILE A 326 7.14 4.37 -7.81
N LYS A 327 7.51 4.70 -6.57
CA LYS A 327 7.70 6.10 -6.18
C LYS A 327 8.88 6.74 -6.91
N GLU A 328 10.00 6.02 -7.01
CA GLU A 328 11.15 6.57 -7.72
C GLU A 328 10.82 6.79 -9.20
N LYS A 329 10.02 5.88 -9.79
CA LYS A 329 9.65 6.05 -11.19
C LYS A 329 8.70 7.22 -11.37
N MET A 330 7.74 7.36 -10.44
CA MET A 330 6.83 8.49 -10.50
C MET A 330 7.60 9.81 -10.44
N ARG A 331 8.59 9.88 -9.55
CA ARG A 331 9.40 11.10 -9.43
C ARG A 331 10.12 11.41 -10.73
N SER A 332 10.80 10.40 -11.31
CA SER A 332 11.55 10.64 -12.53
C SER A 332 10.67 11.03 -13.71
N GLU A 333 9.39 10.67 -13.67
CA GLU A 333 8.46 10.92 -14.75
C GLU A 333 7.52 12.09 -14.47
N ASN A 334 7.61 12.72 -13.30
CA ASN A 334 6.62 13.73 -12.90
C ASN A 334 5.20 13.15 -12.99
N ALA A 335 5.07 11.87 -12.64
CA ALA A 335 3.82 11.19 -12.86
C ALA A 335 2.77 11.67 -11.87
N VAL A 336 1.54 11.84 -12.38
CA VAL A 336 0.43 12.33 -11.55
C VAL A 336 -0.05 11.25 -10.58
N TYR A 337 0.01 9.98 -10.99
CA TYR A 337 -0.59 8.89 -10.23
C TYR A 337 0.17 7.61 -10.53
N GLY A 338 0.24 6.74 -9.52
CA GLY A 338 0.70 5.38 -9.72
C GLY A 338 -0.24 4.44 -9.00
N GLY A 339 -0.41 3.25 -9.58
CA GLY A 339 -1.26 2.24 -8.97
C GLY A 339 -0.73 0.84 -9.13
N GLU A 340 -0.75 0.05 -8.05
CA GLU A 340 -0.41 -1.36 -8.09
C GLU A 340 -1.69 -2.17 -7.87
N MET A 341 -1.71 -3.38 -8.44
N MET A 341 -1.72 -3.37 -8.44
CA MET A 341 -2.87 -4.27 -8.25
CA MET A 341 -2.87 -4.23 -8.24
C MET A 341 -3.02 -4.70 -6.79
C MET A 341 -3.04 -4.69 -6.79
N SER A 342 -2.00 -4.50 -5.96
CA SER A 342 -1.97 -4.92 -4.55
C SER A 342 -2.55 -3.90 -3.60
N ALA A 343 -3.45 -3.03 -4.09
CA ALA A 343 -4.18 -2.06 -3.27
C ALA A 343 -3.33 -0.89 -2.80
N HIS A 344 -2.31 -0.51 -3.56
CA HIS A 344 -1.47 0.64 -3.26
C HIS A 344 -1.67 1.68 -4.35
N HIS A 345 -1.97 2.92 -3.94
CA HIS A 345 -2.30 3.99 -4.88
C HIS A 345 -1.55 5.23 -4.44
N TYR A 346 -0.83 5.84 -5.39
CA TYR A 346 0.20 6.83 -5.13
C TYR A 346 -0.13 8.11 -5.88
N PHE A 347 0.09 9.25 -5.23
CA PHE A 347 -0.38 10.53 -5.74
C PHE A 347 0.73 11.57 -5.67
N ARG A 348 1.00 12.22 -6.81
CA ARG A 348 2.17 13.09 -6.94
C ARG A 348 2.23 14.15 -5.85
N GLU A 349 1.12 14.87 -5.62
CA GLU A 349 1.14 15.96 -4.65
C GLU A 349 1.09 15.48 -3.21
N PHE A 350 0.79 14.20 -2.99
CA PHE A 350 0.87 13.58 -1.67
C PHE A 350 2.28 13.01 -1.45
N ALA A 351 3.31 13.83 -1.66
CA ALA A 351 4.69 13.40 -1.47
C ALA A 351 5.02 12.15 -2.29
N TYR A 352 4.38 12.02 -3.47
CA TYR A 352 4.55 10.85 -4.33
C TYR A 352 4.23 9.55 -3.61
N ALA A 353 3.40 9.60 -2.58
CA ALA A 353 3.27 8.47 -1.66
C ALA A 353 1.88 7.87 -1.75
N ASP A 354 1.73 6.72 -1.09
CA ASP A 354 0.48 5.99 -1.12
C ASP A 354 -0.44 6.42 0.02
N SER A 355 -1.75 6.44 -0.27
CA SER A 355 -2.77 6.82 0.70
C SER A 355 -3.93 5.84 0.59
N GLY A 356 -4.46 5.43 1.74
CA GLY A 356 -5.67 4.66 1.78
C GLY A 356 -6.91 5.51 1.84
N MET A 357 -6.74 6.83 1.92
CA MET A 357 -7.87 7.75 2.03
C MET A 357 -8.23 8.42 0.71
N ILE A 358 -7.23 8.95 0.00
CA ILE A 358 -7.47 9.60 -1.28
C ILE A 358 -8.30 8.73 -2.22
N PRO A 359 -8.04 7.42 -2.32
CA PRO A 359 -8.77 6.63 -3.32
C PRO A 359 -10.27 6.57 -3.12
N TRP A 360 -10.75 6.40 -1.89
CA TRP A 360 -12.20 6.32 -1.71
C TRP A 360 -12.87 7.68 -1.89
N LEU A 361 -12.16 8.77 -1.60
CA LEU A 361 -12.71 10.09 -1.89
C LEU A 361 -12.88 10.26 -3.39
N LEU A 362 -11.88 9.85 -4.16
CA LEU A 362 -11.97 9.94 -5.61
C LEU A 362 -13.12 9.09 -6.15
N ILE A 363 -13.27 7.87 -5.61
CA ILE A 363 -14.34 6.98 -6.07
C ILE A 363 -15.70 7.54 -5.69
N ALA A 364 -15.83 8.06 -4.47
CA ALA A 364 -17.10 8.67 -4.08
C ALA A 364 -17.46 9.81 -5.01
N GLU A 365 -16.46 10.59 -5.43
CA GLU A 365 -16.73 11.69 -6.35
C GLU A 365 -17.13 11.17 -7.73
N LEU A 366 -16.49 10.11 -8.22
CA LEU A 366 -16.85 9.54 -9.53
C LEU A 366 -18.30 9.07 -9.54
N VAL A 367 -18.70 8.33 -8.50
CA VAL A 367 -20.07 7.85 -8.41
C VAL A 367 -21.03 9.02 -8.33
N SER A 368 -20.69 10.02 -7.49
CA SER A 368 -21.55 11.20 -7.33
C SER A 368 -21.74 11.95 -8.64
N GLN A 369 -20.64 12.18 -9.37
CA GLN A 369 -20.74 13.02 -10.55
C GLN A 369 -21.33 12.28 -11.75
N SER A 370 -21.03 10.99 -11.89
CA SER A 370 -21.44 10.22 -13.05
C SER A 370 -22.86 9.68 -12.95
N GLY A 371 -23.40 9.53 -11.73
CA GLY A 371 -24.65 8.84 -11.58
C GLY A 371 -24.57 7.35 -11.82
N ARG A 372 -23.37 6.79 -11.93
CA ARG A 372 -23.18 5.38 -12.17
C ARG A 372 -22.69 4.75 -10.89
N SER A 373 -23.14 3.53 -10.62
CA SER A 373 -22.68 2.83 -9.44
C SER A 373 -21.24 2.38 -9.63
N LEU A 374 -20.58 2.05 -8.52
CA LEU A 374 -19.23 1.52 -8.62
C LEU A 374 -19.21 0.25 -9.45
N ALA A 375 -20.22 -0.61 -9.28
CA ALA A 375 -20.33 -1.81 -10.10
C ALA A 375 -20.30 -1.49 -11.60
N ASP A 376 -21.12 -0.51 -12.03
CA ASP A 376 -21.15 -0.14 -13.44
C ASP A 376 -19.85 0.52 -13.88
N LEU A 377 -19.16 1.23 -12.97
CA LEU A 377 -17.89 1.84 -13.36
C LEU A 377 -16.85 0.80 -13.77
N VAL A 378 -16.89 -0.40 -13.17
CA VAL A 378 -15.88 -1.43 -13.45
C VAL A 378 -16.40 -2.62 -14.27
N GLU A 379 -17.72 -2.79 -14.42
CA GLU A 379 -18.24 -4.07 -14.92
C GLU A 379 -17.68 -4.43 -16.28
N ALA A 380 -17.76 -3.52 -17.25
CA ALA A 380 -17.29 -3.82 -18.61
C ALA A 380 -15.79 -4.05 -18.64
N ARG A 381 -15.04 -3.39 -17.76
CA ARG A 381 -13.60 -3.58 -17.75
C ARG A 381 -13.23 -4.95 -17.22
N MET A 382 -13.96 -5.43 -16.21
CA MET A 382 -13.74 -6.75 -15.67
C MET A 382 -14.11 -7.83 -16.68
N GLN A 383 -15.14 -7.60 -17.49
CA GLN A 383 -15.47 -8.55 -18.55
C GLN A 383 -14.43 -8.53 -19.67
N LYS A 384 -13.88 -7.35 -19.97
CA LYS A 384 -12.94 -7.19 -21.08
C LYS A 384 -11.57 -7.78 -20.76
N PHE A 385 -11.11 -7.63 -19.53
CA PHE A 385 -9.79 -8.10 -19.11
C PHE A 385 -9.93 -8.89 -17.82
N PRO A 386 -10.48 -10.10 -17.89
CA PRO A 386 -10.60 -10.90 -16.66
C PRO A 386 -9.22 -11.37 -16.21
N CYS A 387 -9.05 -11.48 -14.90
CA CYS A 387 -7.76 -11.85 -14.32
C CYS A 387 -7.93 -12.94 -13.27
N SER A 388 -6.82 -13.64 -13.02
CA SER A 388 -6.83 -14.80 -12.14
C SER A 388 -6.95 -14.41 -10.68
N GLY A 389 -6.56 -13.19 -10.31
CA GLY A 389 -6.22 -12.88 -8.94
C GLY A 389 -4.80 -13.34 -8.72
N GLU A 390 -4.09 -12.75 -7.77
CA GLU A 390 -2.73 -13.19 -7.52
C GLU A 390 -2.74 -14.55 -6.84
N ILE A 391 -2.00 -15.50 -7.39
CA ILE A 391 -1.93 -16.85 -6.86
C ILE A 391 -0.50 -17.12 -6.42
N ASN A 392 -0.33 -17.54 -5.18
CA ASN A 392 0.98 -17.65 -4.57
C ASN A 392 1.37 -19.12 -4.44
N PHE A 393 2.65 -19.39 -4.66
CA PHE A 393 3.18 -20.76 -4.64
C PHE A 393 4.45 -20.80 -3.79
N LYS A 394 4.46 -21.69 -2.80
CA LYS A 394 5.67 -22.09 -2.11
C LYS A 394 6.07 -23.45 -2.67
N VAL A 395 7.16 -23.50 -3.43
CA VAL A 395 7.59 -24.73 -4.08
C VAL A 395 8.99 -25.08 -3.62
N ALA A 396 9.35 -26.35 -3.84
CA ALA A 396 10.67 -26.82 -3.42
C ALA A 396 11.80 -26.10 -4.14
N ASP A 397 11.59 -25.71 -5.40
CA ASP A 397 12.68 -25.13 -6.18
C ASP A 397 12.05 -24.12 -7.13
N ALA A 398 12.04 -22.85 -6.71
CA ALA A 398 11.37 -21.82 -7.50
C ALA A 398 11.98 -21.70 -8.88
N LYS A 399 13.31 -21.84 -8.99
CA LYS A 399 13.94 -21.65 -10.28
C LYS A 399 13.60 -22.79 -11.24
N ALA A 400 13.62 -24.03 -10.74
CA ALA A 400 13.25 -25.16 -11.59
C ALA A 400 11.78 -25.08 -12.00
N SER A 401 10.92 -24.58 -11.11
CA SER A 401 9.51 -24.49 -11.44
C SER A 401 9.25 -23.44 -12.51
N VAL A 402 9.90 -22.27 -12.39
CA VAL A 402 9.78 -21.24 -13.41
C VAL A 402 10.28 -21.76 -14.75
N ALA A 403 11.41 -22.47 -14.75
CA ALA A 403 11.96 -23.00 -16.00
C ALA A 403 11.00 -24.00 -16.62
N ARG A 404 10.36 -24.82 -15.79
CA ARG A 404 9.38 -25.78 -16.30
C ARG A 404 8.22 -25.07 -17.00
N VAL A 405 7.77 -23.95 -16.45
CA VAL A 405 6.72 -23.17 -17.08
C VAL A 405 7.20 -22.64 -18.42
N MET A 406 8.40 -22.06 -18.44
CA MET A 406 8.87 -21.42 -19.67
C MET A 406 9.09 -22.44 -20.78
N GLU A 407 9.68 -23.59 -20.43
CA GLU A 407 9.92 -24.61 -21.44
C GLU A 407 8.62 -25.10 -22.05
N HIS A 408 7.57 -25.22 -21.23
CA HIS A 408 6.30 -25.73 -21.72
C HIS A 408 5.71 -24.81 -22.78
N TYR A 409 5.87 -23.50 -22.61
CA TYR A 409 5.26 -22.52 -23.50
C TYR A 409 6.19 -22.03 -24.60
N ALA A 410 7.40 -22.58 -24.71
CA ALA A 410 8.37 -22.05 -25.67
C ALA A 410 7.88 -22.20 -27.10
N SER A 411 7.18 -23.30 -27.40
CA SER A 411 6.77 -23.56 -28.77
C SER A 411 5.76 -22.55 -29.30
N LEU A 412 5.14 -21.76 -28.41
CA LEU A 412 4.21 -20.70 -28.79
C LEU A 412 4.89 -19.36 -29.01
N SER A 413 6.16 -19.22 -28.64
CA SER A 413 6.94 -18.01 -28.86
C SER A 413 6.26 -16.77 -28.28
N PRO A 414 5.99 -16.71 -26.98
CA PRO A 414 5.43 -15.49 -26.42
C PRO A 414 6.43 -14.34 -26.51
N GLU A 415 5.91 -13.12 -26.42
CA GLU A 415 6.78 -11.96 -26.23
C GLU A 415 7.12 -11.86 -24.74
N LEU A 416 8.41 -11.77 -24.44
CA LEU A 416 8.90 -11.86 -23.07
C LEU A 416 9.46 -10.52 -22.62
N ASP A 417 9.13 -10.15 -21.38
CA ASP A 417 9.64 -8.94 -20.77
C ASP A 417 10.10 -9.27 -19.36
N TYR A 418 11.26 -8.74 -18.96
CA TYR A 418 11.86 -9.10 -17.68
C TYR A 418 11.89 -7.94 -16.69
N THR A 419 10.92 -7.03 -16.79
CA THR A 419 10.84 -5.91 -15.86
C THR A 419 10.73 -6.39 -14.41
N ASP A 420 9.96 -7.45 -14.18
CA ASP A 420 9.68 -7.88 -12.81
C ASP A 420 9.36 -9.37 -12.88
N GLY A 421 10.39 -10.19 -12.82
CA GLY A 421 10.21 -11.61 -13.04
C GLY A 421 10.16 -11.88 -14.52
N ILE A 422 9.14 -12.64 -14.95
CA ILE A 422 8.93 -12.93 -16.35
C ILE A 422 7.48 -12.58 -16.68
N SER A 423 7.29 -11.71 -17.67
CA SER A 423 5.99 -11.43 -18.26
C SER A 423 5.97 -12.04 -19.65
N ALA A 424 4.93 -12.80 -19.95
CA ALA A 424 4.83 -13.50 -21.23
C ALA A 424 3.50 -13.15 -21.86
N ASP A 425 3.54 -12.55 -23.05
CA ASP A 425 2.36 -12.13 -23.78
C ASP A 425 2.18 -13.05 -24.98
N PHE A 426 1.08 -13.80 -24.98
CA PHE A 426 0.79 -14.76 -26.03
C PHE A 426 -0.18 -14.22 -27.07
N GLY A 427 -0.63 -12.99 -26.91
CA GLY A 427 -1.60 -12.39 -27.83
C GLY A 427 -2.95 -12.18 -27.17
N GLN A 428 -3.72 -13.25 -27.02
CA GLN A 428 -5.01 -13.21 -26.35
C GLN A 428 -4.92 -13.46 -24.86
N TRP A 429 -3.74 -13.79 -24.34
CA TRP A 429 -3.56 -13.99 -22.91
C TRP A 429 -2.10 -13.70 -22.55
N ARG A 430 -1.88 -13.38 -21.27
CA ARG A 430 -0.55 -13.09 -20.79
C ARG A 430 -0.45 -13.46 -19.32
N PHE A 431 0.77 -13.68 -18.85
CA PHE A 431 0.98 -13.86 -17.42
C PHE A 431 2.24 -13.15 -16.96
N ASN A 432 2.27 -12.87 -15.68
CA ASN A 432 3.47 -12.45 -14.99
C ASN A 432 3.76 -13.45 -13.88
N LEU A 433 5.03 -13.83 -13.76
CA LEU A 433 5.47 -14.81 -12.77
C LEU A 433 6.75 -14.25 -12.17
N ARG A 434 6.75 -14.02 -10.85
CA ARG A 434 7.90 -13.39 -10.23
C ARG A 434 8.05 -13.91 -8.81
N SER A 435 9.22 -13.66 -8.23
CA SER A 435 9.47 -13.93 -6.81
C SER A 435 9.09 -12.73 -5.97
N SER A 436 8.49 -13.01 -4.81
CA SER A 436 8.19 -11.93 -3.88
C SER A 436 9.47 -11.38 -3.29
N ASN A 437 9.44 -10.09 -2.97
CA ASN A 437 10.55 -9.43 -2.28
C ASN A 437 10.32 -9.32 -0.77
N THR A 438 9.16 -9.77 -0.28
CA THR A 438 8.87 -9.75 1.14
C THR A 438 8.72 -11.14 1.76
N GLU A 439 8.52 -12.17 0.94
CA GLU A 439 8.30 -13.54 1.38
C GLU A 439 8.95 -14.47 0.38
N PRO A 440 9.37 -15.67 0.80
CA PRO A 440 10.02 -16.62 -0.13
C PRO A 440 9.01 -17.41 -0.97
N LEU A 441 8.25 -16.70 -1.80
CA LEU A 441 7.19 -17.33 -2.58
C LEU A 441 7.26 -16.82 -4.02
N LEU A 442 6.67 -17.61 -4.91
CA LEU A 442 6.38 -17.20 -6.29
C LEU A 442 4.95 -16.70 -6.38
N ARG A 443 4.76 -15.62 -7.14
CA ARG A 443 3.46 -15.00 -7.34
C ARG A 443 3.10 -15.05 -8.82
N LEU A 444 1.88 -15.51 -9.12
CA LEU A 444 1.40 -15.65 -10.49
C LEU A 444 0.20 -14.74 -10.72
N ASN A 445 0.18 -14.03 -11.85
CA ASN A 445 -1.02 -13.35 -12.31
C ASN A 445 -1.22 -13.63 -13.79
N VAL A 446 -2.47 -13.90 -14.18
CA VAL A 446 -2.83 -14.19 -15.56
C VAL A 446 -4.01 -13.29 -15.91
N GLU A 447 -4.06 -12.83 -17.16
CA GLU A 447 -5.23 -12.15 -17.69
C GLU A 447 -5.40 -12.53 -19.15
N THR A 448 -6.62 -12.35 -19.65
CA THR A 448 -6.94 -12.64 -21.04
C THR A 448 -7.73 -11.48 -21.65
N ARG A 449 -7.85 -11.52 -22.97
CA ARG A 449 -8.66 -10.54 -23.71
C ARG A 449 -10.10 -11.05 -23.80
N GLY A 450 -10.85 -10.86 -22.71
CA GLY A 450 -12.28 -11.14 -22.70
C GLY A 450 -12.68 -12.61 -22.73
N ASP A 451 -11.79 -13.52 -22.32
CA ASP A 451 -12.01 -14.95 -22.45
C ASP A 451 -11.81 -15.62 -21.09
N ALA A 452 -12.92 -15.86 -20.38
CA ALA A 452 -12.84 -16.47 -19.06
C ALA A 452 -12.44 -17.93 -19.14
N ALA A 453 -12.76 -18.60 -20.25
CA ALA A 453 -12.39 -20.01 -20.39
C ALA A 453 -10.89 -20.16 -20.52
N LEU A 454 -10.29 -19.38 -21.42
CA LEU A 454 -8.84 -19.40 -21.59
C LEU A 454 -8.14 -18.99 -20.31
N LEU A 455 -8.72 -18.04 -19.56
CA LEU A 455 -8.13 -17.64 -18.30
C LEU A 455 -8.01 -18.83 -17.37
N GLU A 456 -9.08 -19.63 -17.25
CA GLU A 456 -9.06 -20.71 -16.28
C GLU A 456 -8.16 -21.86 -16.73
N THR A 457 -8.23 -22.26 -18.01
CA THR A 457 -7.40 -23.37 -18.45
C THR A 457 -5.91 -23.01 -18.38
N ARG A 458 -5.55 -21.77 -18.75
CA ARG A 458 -4.14 -21.37 -18.67
C ARG A 458 -3.69 -21.23 -17.22
N THR A 459 -4.53 -20.65 -16.36
CA THR A 459 -4.15 -20.56 -14.95
C THR A 459 -3.91 -21.94 -14.35
N GLN A 460 -4.83 -22.89 -14.60
CA GLN A 460 -4.67 -24.24 -14.07
C GLN A 460 -3.47 -24.95 -14.69
N GLU A 461 -3.19 -24.69 -15.97
CA GLU A 461 -2.03 -25.30 -16.60
C GLU A 461 -0.73 -24.79 -15.97
N ILE A 462 -0.62 -23.48 -15.78
CA ILE A 462 0.57 -22.94 -15.13
C ILE A 462 0.69 -23.47 -13.70
N SER A 463 -0.42 -23.46 -12.95
CA SER A 463 -0.40 -23.98 -11.59
C SER A 463 0.15 -25.41 -11.53
N ASN A 464 -0.38 -26.29 -12.39
CA ASN A 464 0.11 -27.66 -12.43
C ASN A 464 1.60 -27.69 -12.74
N LEU A 465 2.06 -26.85 -13.67
CA LEU A 465 3.49 -26.85 -13.99
C LEU A 465 4.32 -26.40 -12.79
N LEU A 466 3.88 -25.35 -12.08
CA LEU A 466 4.65 -24.87 -10.93
C LEU A 466 4.74 -25.91 -9.82
N ARG A 467 3.67 -26.66 -9.60
CA ARG A 467 3.60 -27.68 -8.55
C ARG A 467 4.23 -29.00 -8.96
N GLY A 468 4.74 -29.11 -10.19
CA GLY A 468 5.33 -30.33 -10.69
C GLY A 468 6.69 -30.64 -10.08
#